data_7C43
#
_entry.id   7C43
#
_cell.length_a   49.730
_cell.length_b   77.730
_cell.length_c   99.301
_cell.angle_alpha   90.000
_cell.angle_beta   90.000
_cell.angle_gamma   90.000
#
_symmetry.space_group_name_H-M   'P 21 21 21'
#
loop_
_entity.id
_entity.type
_entity.pdbx_description
1 polymer 'CCHC-type domain-containing protein'
2 non-polymer 'ZINC ION'
3 non-polymer 'MANGANESE (II) ION'
4 non-polymer 'ADENOSINE MONOPHOSPHATE'
5 water water
#
_entity_poly.entity_id   1
_entity_poly.type   'polypeptide(L)'
_entity_poly.pdbx_seq_one_letter_code
;TSSATSSSS(MSE)ILKYPYRVVDTHEKLKEAVTSLQGARSIALDIEAFCTTDQAKQLGRISLVQACSDAKPVVFLFDVL
TLTPDVFVKD(MSE)QSLLSDREIRKLFFDCRRDVEALSCQLGVKPEGVLDLQVFFTAIQWKLRSVNRRSG(MSE)GYVL
KSVAGLTRQEGDSAVQTA(MSE)TLGNRPVWDIRPLPDHFLEYAAGDVRHILLLSNYLVGNKDVPVDVVAVERLTAQYVE
HYAVGKPVITEADATPAEVNRAWLERYIGPGGGCHFCGAKGHTEAECFKKQNGKAKCSFCGEVGHTARNCFKKHPQLLTC
EKCGQLGHTGTSCFRTNPCKHCGGPHSSANCHKVIWQQKRLGENSLH
;
_entity_poly.pdbx_strand_id   A
#
loop_
_chem_comp.id
_chem_comp.type
_chem_comp.name
_chem_comp.formula
AMP non-polymer 'ADENOSINE MONOPHOSPHATE' 'C10 H14 N5 O7 P'
MN non-polymer 'MANGANESE (II) ION' 'Mn 2'
ZN non-polymer 'ZINC ION' 'Zn 2'
#
# COMPACT_ATOMS: atom_id res chain seq x y z
N SER A 8 2.56 0.79 17.44
CA SER A 8 2.00 0.78 16.06
C SER A 8 1.22 -0.50 15.69
N SER A 9 1.55 -1.65 16.28
CA SER A 9 0.72 -2.87 16.12
C SER A 9 -0.62 -2.81 16.89
N MSE A 10 -0.80 -1.77 17.72
CA MSE A 10 -2.11 -1.29 18.20
C MSE A 10 -3.13 -0.93 17.13
O MSE A 10 -4.36 -1.04 17.33
CB MSE A 10 -1.73 -0.03 19.00
CG MSE A 10 -2.85 0.94 19.33
SE MSE A 10 -2.28 2.06 20.84
CE MSE A 10 -0.36 2.33 20.43
N ILE A 11 -2.64 -0.49 15.96
CA ILE A 11 -3.49 -0.16 14.83
C ILE A 11 -4.30 -1.37 14.40
N LEU A 12 -3.67 -2.53 14.41
CA LEU A 12 -4.35 -3.76 14.01
C LEU A 12 -5.56 -4.16 14.87
N LYS A 13 -5.65 -3.63 16.08
CA LYS A 13 -6.77 -3.91 16.99
C LYS A 13 -7.83 -2.81 16.99
N TYR A 14 -7.67 -1.75 16.18
CA TYR A 14 -8.74 -0.75 16.01
C TYR A 14 -10.03 -1.43 15.54
N PRO A 15 -11.14 -1.22 16.28
CA PRO A 15 -12.41 -1.77 15.86
C PRO A 15 -13.01 -0.92 14.75
N TYR A 16 -14.03 -1.45 14.08
CA TYR A 16 -14.71 -0.70 13.04
C TYR A 16 -15.98 -0.08 13.58
N ARG A 17 -16.37 1.05 13.00
CA ARG A 17 -17.71 1.61 13.18
C ARG A 17 -18.33 1.78 11.80
N VAL A 18 -19.59 1.37 11.68
CA VAL A 18 -20.32 1.50 10.45
C VAL A 18 -20.93 2.89 10.47
N VAL A 19 -20.70 3.62 9.38
CA VAL A 19 -21.18 4.98 9.21
C VAL A 19 -22.18 4.92 8.08
N ASP A 20 -23.46 4.89 8.45
CA ASP A 20 -24.56 4.70 7.53
C ASP A 20 -25.73 5.64 7.78
N THR A 21 -25.51 6.73 8.52
CA THR A 21 -26.54 7.74 8.70
C THR A 21 -25.91 9.09 8.59
N HIS A 22 -26.73 10.07 8.26
CA HIS A 22 -26.33 11.47 8.20
C HIS A 22 -25.67 11.91 9.53
N GLU A 23 -26.23 11.55 10.68
CA GLU A 23 -25.66 11.94 11.97
C GLU A 23 -24.25 11.34 12.16
N LYS A 24 -24.13 10.02 12.04
CA LYS A 24 -22.81 9.34 12.11
C LYS A 24 -21.78 9.88 11.11
N LEU A 25 -22.24 10.31 9.93
CA LEU A 25 -21.35 10.87 8.92
C LEU A 25 -20.66 12.17 9.37
N LYS A 26 -21.43 13.06 9.99
CA LYS A 26 -20.87 14.32 10.55
C LYS A 26 -19.80 14.07 11.64
N GLU A 27 -20.11 13.14 12.55
CA GLU A 27 -19.16 12.69 13.58
C GLU A 27 -17.86 12.14 12.99
N ALA A 28 -17.98 11.24 12.00
CA ALA A 28 -16.79 10.66 11.36
C ALA A 28 -15.97 11.75 10.68
N VAL A 29 -16.66 12.61 9.96
CA VAL A 29 -16.02 13.73 9.30
C VAL A 29 -15.32 14.64 10.30
N THR A 30 -15.95 14.92 11.45
CA THR A 30 -15.34 15.79 12.46
C THR A 30 -13.99 15.22 12.94
N SER A 31 -14.00 13.94 13.27
CA SER A 31 -12.78 13.23 13.65
C SER A 31 -11.71 13.23 12.57
N LEU A 32 -12.05 12.82 11.35
CA LEU A 32 -11.05 12.76 10.26
C LEU A 32 -10.46 14.12 9.90
N GLN A 33 -11.23 15.20 10.10
CA GLN A 33 -10.74 16.59 9.86
C GLN A 33 -9.53 16.96 10.71
N GLY A 34 -9.44 16.39 11.91
CA GLY A 34 -8.29 16.58 12.78
C GLY A 34 -7.06 15.73 12.50
N ALA A 35 -7.09 14.93 11.43
CA ALA A 35 -5.97 14.02 11.16
C ALA A 35 -4.88 14.66 10.32
N ARG A 36 -3.72 14.03 10.35
CA ARG A 36 -2.62 14.36 9.49
C ARG A 36 -2.56 13.34 8.34
N SER A 37 -2.87 12.07 8.60
CA SER A 37 -2.87 11.02 7.59
C SER A 37 -4.13 10.18 7.71
N ILE A 38 -4.71 9.81 6.57
CA ILE A 38 -5.92 9.02 6.54
C ILE A 38 -5.67 7.90 5.55
N ALA A 39 -5.73 6.66 6.01
CA ALA A 39 -5.67 5.53 5.10
C ALA A 39 -7.06 5.29 4.52
N LEU A 40 -7.14 5.20 3.19
CA LEU A 40 -8.38 4.96 2.47
C LEU A 40 -8.38 3.68 1.66
N ASP A 41 -9.58 3.16 1.42
CA ASP A 41 -9.77 2.06 0.55
C ASP A 41 -11.21 2.08 0.09
N ILE A 42 -11.50 1.35 -1.00
CA ILE A 42 -12.87 1.16 -1.52
C ILE A 42 -13.23 -0.32 -1.66
N GLU A 43 -14.42 -0.70 -1.20
CA GLU A 43 -15.01 -1.97 -1.55
C GLU A 43 -16.09 -1.65 -2.54
N ALA A 44 -16.06 -2.33 -3.69
CA ALA A 44 -17.00 -2.12 -4.77
C ALA A 44 -17.72 -3.42 -5.14
N PHE A 45 -18.85 -3.27 -5.84
CA PHE A 45 -19.58 -4.39 -6.41
C PHE A 45 -18.66 -5.12 -7.37
N CYS A 46 -18.63 -6.44 -7.29
CA CYS A 46 -17.80 -7.23 -8.17
C CYS A 46 -18.30 -7.16 -9.57
N THR A 47 -17.41 -7.07 -10.52
CA THR A 47 -17.83 -7.02 -11.88
C THR A 47 -17.75 -8.42 -12.47
N THR A 48 -18.86 -8.85 -13.03
CA THR A 48 -19.03 -10.16 -13.66
C THR A 48 -18.16 -10.29 -14.86
N ASP A 49 -18.07 -9.19 -15.61
CA ASP A 49 -17.26 -9.10 -16.78
C ASP A 49 -15.80 -9.23 -16.49
N GLN A 50 -15.41 -8.65 -15.37
CA GLN A 50 -14.02 -8.50 -14.92
C GLN A 50 -13.17 -7.52 -15.74
N ALA A 51 -13.79 -6.40 -16.11
CA ALA A 51 -13.13 -5.28 -16.80
C ALA A 51 -12.31 -4.45 -15.81
N LYS A 52 -11.53 -3.52 -16.30
CA LYS A 52 -10.64 -2.78 -15.41
C LYS A 52 -11.26 -1.97 -14.28
N GLN A 53 -12.32 -1.23 -14.52
CA GLN A 53 -12.92 -0.42 -13.50
C GLN A 53 -13.64 -1.08 -12.37
N LEU A 54 -13.49 -0.53 -11.18
CA LEU A 54 -14.31 -0.98 -10.06
C LEU A 54 -15.78 -0.82 -10.43
N GLY A 55 -16.60 -1.75 -9.97
CA GLY A 55 -18.05 -1.57 -10.01
C GLY A 55 -18.52 -0.53 -9.00
N ARG A 56 -19.80 -0.55 -8.74
CA ARG A 56 -20.45 0.43 -7.90
C ARG A 56 -19.86 0.45 -6.49
N ILE A 57 -19.60 1.64 -6.00
CA ILE A 57 -19.01 1.85 -4.70
C ILE A 57 -20.03 1.40 -3.68
N SER A 58 -19.59 0.58 -2.74
CA SER A 58 -20.44 0.08 -1.67
C SER A 58 -20.00 0.71 -0.38
N LEU A 59 -18.70 0.58 -0.11
CA LEU A 59 -18.10 1.14 1.06
C LEU A 59 -16.82 1.88 0.70
N VAL A 60 -16.58 2.94 1.47
CA VAL A 60 -15.28 3.56 1.54
C VAL A 60 -14.88 3.33 2.99
N GLN A 61 -13.62 2.93 3.21
CA GLN A 61 -13.09 2.60 4.50
C GLN A 61 -12.03 3.63 4.83
N ALA A 62 -12.03 4.13 6.06
CA ALA A 62 -11.11 5.18 6.45
C ALA A 62 -10.57 4.91 7.84
N CYS A 63 -9.27 5.14 8.00
CA CYS A 63 -8.59 4.96 9.26
C CYS A 63 -7.44 5.95 9.36
N SER A 64 -7.53 6.81 10.38
CA SER A 64 -6.62 7.93 10.52
C SER A 64 -5.84 7.89 11.82
N ASP A 65 -4.79 8.68 11.86
CA ASP A 65 -4.00 8.88 13.08
C ASP A 65 -4.66 9.86 14.11
N ALA A 66 -5.92 10.27 13.88
CA ALA A 66 -6.64 11.13 14.83
C ALA A 66 -7.50 10.39 15.86
N LYS A 67 -7.80 9.12 15.61
CA LYS A 67 -8.69 8.32 16.46
C LYS A 67 -8.42 6.84 16.18
N PRO A 68 -8.50 5.98 17.22
CA PRO A 68 -8.23 4.53 17.04
C PRO A 68 -9.47 3.76 16.53
N VAL A 69 -9.79 3.97 15.27
CA VAL A 69 -11.04 3.46 14.75
C VAL A 69 -10.98 3.40 13.23
N VAL A 70 -11.64 2.41 12.67
CA VAL A 70 -11.87 2.33 11.24
C VAL A 70 -13.32 2.70 10.99
N PHE A 71 -13.53 3.78 10.23
CA PHE A 71 -14.83 4.10 9.69
C PHE A 71 -15.08 3.31 8.43
N LEU A 72 -16.25 2.68 8.42
CA LEU A 72 -16.78 2.04 7.23
C LEU A 72 -17.99 2.84 6.76
N PHE A 73 -17.75 3.69 5.76
CA PHE A 73 -18.79 4.50 5.17
C PHE A 73 -19.58 3.69 4.21
N ASP A 74 -20.84 3.42 4.59
CA ASP A 74 -21.84 2.77 3.74
C ASP A 74 -22.37 3.80 2.73
N VAL A 75 -21.64 3.89 1.62
CA VAL A 75 -21.96 4.83 0.57
C VAL A 75 -23.27 4.39 -0.07
N LEU A 76 -23.41 3.09 -0.32
CA LEU A 76 -24.65 2.56 -0.85
C LEU A 76 -25.85 3.07 -0.06
N THR A 77 -25.82 2.97 1.25
CA THR A 77 -26.92 3.44 2.10
C THR A 77 -27.01 4.96 2.21
N LEU A 78 -25.89 5.64 2.42
CA LEU A 78 -25.89 7.11 2.48
C LEU A 78 -26.25 7.83 1.15
N THR A 79 -25.91 7.16 0.05
CA THR A 79 -25.81 7.65 -1.34
C THR A 79 -24.56 8.50 -1.54
N PRO A 80 -23.92 8.37 -2.74
CA PRO A 80 -22.79 9.21 -3.10
C PRO A 80 -23.04 10.70 -2.86
N ASP A 81 -24.21 11.18 -3.21
CA ASP A 81 -24.56 12.58 -2.99
C ASP A 81 -24.32 13.00 -1.53
N VAL A 82 -24.92 12.31 -0.55
CA VAL A 82 -24.77 12.73 0.86
C VAL A 82 -23.31 12.60 1.29
N PHE A 83 -22.66 11.50 0.89
CA PHE A 83 -21.27 11.23 1.24
C PHE A 83 -20.32 12.34 0.82
N VAL A 84 -20.40 12.72 -0.45
CA VAL A 84 -19.54 13.73 -1.07
C VAL A 84 -19.77 15.11 -0.44
N LYS A 85 -21.02 15.46 -0.15
CA LYS A 85 -21.29 16.79 0.43
C LYS A 85 -20.41 17.03 1.61
N ASP A 86 -20.39 16.06 2.54
CA ASP A 86 -19.62 16.15 3.79
C ASP A 86 -18.12 15.79 3.69
N MSE A 87 -17.71 15.05 2.66
CA MSE A 87 -16.32 14.57 2.58
C MSE A 87 -15.40 15.24 1.59
O MSE A 87 -14.18 15.03 1.67
CB MSE A 87 -16.28 13.08 2.21
CG MSE A 87 -16.77 12.21 3.36
SE MSE A 87 -15.35 11.78 4.68
CE MSE A 87 -14.05 10.72 3.62
N GLN A 88 -15.93 16.03 0.66
CA GLN A 88 -15.09 16.53 -0.45
C GLN A 88 -13.99 17.51 -0.07
N SER A 89 -14.19 18.35 0.94
CA SER A 89 -13.17 19.35 1.30
C SER A 89 -12.03 18.65 2.01
N LEU A 90 -12.36 17.62 2.75
CA LEU A 90 -11.37 16.80 3.42
C LEU A 90 -10.53 16.00 2.41
N LEU A 91 -11.21 15.43 1.43
CA LEU A 91 -10.57 14.74 0.31
C LEU A 91 -9.71 15.68 -0.53
N SER A 92 -10.15 16.94 -0.63
CA SER A 92 -9.45 17.95 -1.44
C SER A 92 -8.31 18.63 -0.72
N ASP A 93 -8.26 18.49 0.60
CA ASP A 93 -7.29 19.17 1.45
C ASP A 93 -5.96 18.44 1.35
N ARG A 94 -5.04 19.03 0.59
CA ARG A 94 -3.71 18.43 0.38
C ARG A 94 -2.84 18.42 1.63
N GLU A 95 -3.22 19.18 2.67
CA GLU A 95 -2.50 19.14 3.96
C GLU A 95 -2.80 17.90 4.78
N ILE A 96 -3.83 17.15 4.39
CA ILE A 96 -4.11 15.85 4.98
C ILE A 96 -3.67 14.72 4.02
N ARG A 97 -2.72 13.92 4.46
CA ARG A 97 -2.21 12.88 3.61
C ARG A 97 -3.24 11.73 3.46
N LYS A 98 -3.58 11.37 2.22
CA LYS A 98 -4.43 10.22 1.97
C LYS A 98 -3.53 9.06 1.64
N LEU A 99 -3.60 7.97 2.39
CA LEU A 99 -2.76 6.82 2.14
C LEU A 99 -3.53 5.75 1.42
N PHE A 100 -2.98 5.28 0.30
CA PHE A 100 -3.56 4.18 -0.45
C PHE A 100 -2.57 3.05 -0.64
N PHE A 101 -3.09 1.85 -0.86
CA PHE A 101 -2.28 0.76 -1.46
C PHE A 101 -2.80 0.37 -2.85
N ASP A 102 -2.07 0.79 -3.88
CA ASP A 102 -2.50 0.79 -5.29
C ASP A 102 -3.72 1.66 -5.46
N CYS A 103 -3.51 2.93 -5.78
CA CYS A 103 -4.60 3.90 -5.85
C CYS A 103 -5.29 3.96 -7.22
N ARG A 104 -4.81 3.23 -8.23
CA ARG A 104 -5.21 3.51 -9.65
C ARG A 104 -6.75 3.48 -9.88
N ARG A 105 -7.32 2.32 -9.64
CA ARG A 105 -8.76 2.08 -9.72
C ARG A 105 -9.57 2.80 -8.70
N ASP A 106 -9.04 2.93 -7.49
CA ASP A 106 -9.74 3.65 -6.43
C ASP A 106 -9.93 5.10 -6.83
N VAL A 107 -8.88 5.69 -7.38
CA VAL A 107 -8.93 7.07 -7.84
C VAL A 107 -9.87 7.23 -9.05
N GLU A 108 -9.81 6.29 -10.00
CA GLU A 108 -10.76 6.31 -11.12
C GLU A 108 -12.21 6.29 -10.62
N ALA A 109 -12.50 5.44 -9.65
CA ALA A 109 -13.82 5.32 -9.10
C ALA A 109 -14.24 6.61 -8.39
N LEU A 110 -13.34 7.23 -7.64
CA LEU A 110 -13.68 8.44 -6.92
C LEU A 110 -14.04 9.54 -7.88
N SER A 111 -13.33 9.56 -9.00
CA SER A 111 -13.51 10.57 -10.00
C SER A 111 -14.80 10.37 -10.77
N CYS A 112 -15.00 9.15 -11.30
CA CYS A 112 -16.15 8.82 -12.14
C CYS A 112 -17.43 8.72 -11.38
N GLN A 113 -17.38 8.07 -10.21
CA GLN A 113 -18.60 7.80 -9.46
C GLN A 113 -18.95 8.92 -8.47
N LEU A 114 -17.97 9.43 -7.72
CA LEU A 114 -18.27 10.48 -6.75
C LEU A 114 -18.02 11.90 -7.23
N GLY A 115 -17.30 12.07 -8.35
CA GLY A 115 -16.93 13.41 -8.82
C GLY A 115 -15.84 14.13 -8.03
N VAL A 116 -14.99 13.41 -7.31
CA VAL A 116 -13.97 14.06 -6.50
C VAL A 116 -12.61 13.52 -6.91
N LYS A 117 -11.64 14.43 -6.92
CA LYS A 117 -10.25 14.10 -7.07
C LYS A 117 -9.55 14.30 -5.72
N PRO A 118 -8.96 13.23 -5.14
CA PRO A 118 -8.24 13.46 -3.88
C PRO A 118 -6.92 14.20 -4.07
N GLU A 119 -6.54 14.99 -3.06
CA GLU A 119 -5.28 15.71 -3.10
C GLU A 119 -4.46 15.30 -1.89
N GLY A 120 -3.15 15.36 -2.04
CA GLY A 120 -2.23 14.96 -0.97
C GLY A 120 -2.16 13.45 -0.84
N VAL A 121 -2.05 12.76 -1.98
CA VAL A 121 -2.10 11.30 -2.03
C VAL A 121 -0.72 10.66 -1.97
N LEU A 122 -0.60 9.63 -1.15
CA LEU A 122 0.58 8.81 -1.09
C LEU A 122 0.24 7.32 -1.27
N ASP A 123 0.78 6.71 -2.33
CA ASP A 123 0.50 5.32 -2.72
C ASP A 123 1.64 4.43 -2.24
N LEU A 124 1.36 3.64 -1.20
CA LEU A 124 2.39 2.88 -0.52
C LEU A 124 2.80 1.65 -1.30
N GLN A 125 1.98 1.17 -2.23
CA GLN A 125 2.46 0.10 -3.10
C GLN A 125 3.53 0.72 -4.02
N VAL A 126 3.29 1.95 -4.48
CA VAL A 126 4.24 2.67 -5.31
C VAL A 126 5.52 3.02 -4.53
N PHE A 127 5.35 3.33 -3.24
CA PHE A 127 6.46 3.58 -2.35
C PHE A 127 7.36 2.36 -2.27
N PHE A 128 6.80 1.19 -1.99
CA PHE A 128 7.63 -0.01 -2.00
C PHE A 128 8.33 -0.20 -3.35
N THR A 129 7.65 -0.01 -4.48
CA THR A 129 8.32 -0.26 -5.77
C THR A 129 9.46 0.75 -5.99
N ALA A 130 9.27 1.97 -5.52
CA ALA A 130 10.29 3.00 -5.60
C ALA A 130 11.55 2.62 -4.84
N ILE A 131 11.37 2.04 -3.66
CA ILE A 131 12.46 1.50 -2.88
C ILE A 131 13.17 0.40 -3.70
N GLN A 132 12.41 -0.53 -4.25
CA GLN A 132 12.96 -1.57 -5.13
C GLN A 132 13.65 -1.04 -6.37
N TRP A 133 13.19 0.09 -6.88
CA TRP A 133 13.78 0.70 -8.05
C TRP A 133 15.13 1.27 -7.65
N LYS A 134 15.10 2.09 -6.63
CA LYS A 134 16.28 2.77 -6.14
C LYS A 134 17.43 1.76 -5.85
N LEU A 135 17.11 0.61 -5.24
CA LEU A 135 18.10 -0.37 -4.80
C LEU A 135 18.39 -1.48 -5.79
N ARG A 136 17.43 -1.90 -6.58
CA ARG A 136 17.62 -3.08 -7.46
C ARG A 136 17.28 -2.90 -8.93
N SER A 137 16.78 -1.74 -9.33
CA SER A 137 16.27 -1.52 -10.68
C SER A 137 15.03 -2.37 -10.99
N VAL A 138 14.25 -2.69 -9.95
CA VAL A 138 13.02 -3.47 -10.07
C VAL A 138 11.81 -2.52 -10.05
N ASN A 139 11.00 -2.57 -11.13
CA ASN A 139 9.77 -1.74 -11.26
C ASN A 139 8.50 -2.58 -11.08
N ARG A 140 8.63 -3.79 -10.55
CA ARG A 140 7.49 -4.67 -10.23
C ARG A 140 6.72 -4.20 -9.00
N ARG A 141 5.40 -4.45 -9.02
CA ARG A 141 4.51 -4.15 -7.91
C ARG A 141 4.34 -5.39 -7.05
N SER A 142 4.31 -5.21 -5.74
CA SER A 142 4.12 -6.31 -4.79
C SER A 142 2.74 -6.25 -4.14
N GLY A 143 2.15 -7.42 -3.86
CA GLY A 143 0.91 -7.49 -3.07
C GLY A 143 1.16 -7.04 -1.64
N MSE A 144 0.12 -6.59 -0.96
CA MSE A 144 0.18 -6.17 0.45
C MSE A 144 0.82 -7.16 1.40
O MSE A 144 1.52 -6.78 2.33
CB MSE A 144 -1.27 -5.95 0.88
CG MSE A 144 -1.48 -5.66 2.36
SE MSE A 144 -0.71 -3.91 2.86
CE MSE A 144 -2.38 -2.94 2.44
N GLY A 145 0.57 -8.46 1.18
CA GLY A 145 1.19 -9.50 1.99
C GLY A 145 2.70 -9.44 1.93
N TYR A 146 3.24 -9.49 0.71
CA TYR A 146 4.69 -9.44 0.51
C TYR A 146 5.30 -8.17 1.13
N VAL A 147 4.66 -7.04 0.88
CA VAL A 147 5.12 -5.77 1.40
C VAL A 147 5.10 -5.72 2.94
N LEU A 148 4.00 -6.12 3.56
CA LEU A 148 3.96 -6.17 5.02
C LEU A 148 5.06 -7.04 5.67
N LYS A 149 5.30 -8.20 5.06
CA LYS A 149 6.36 -9.11 5.47
C LYS A 149 7.75 -8.47 5.34
N SER A 150 8.07 -7.98 4.13
CA SER A 150 9.38 -7.40 3.83
C SER A 150 9.70 -6.14 4.63
N VAL A 151 8.70 -5.29 4.83
CA VAL A 151 8.89 -4.00 5.54
C VAL A 151 8.68 -4.10 7.06
N ALA A 152 7.63 -4.76 7.52
CA ALA A 152 7.31 -4.76 8.97
C ALA A 152 7.50 -6.12 9.65
N GLY A 153 7.95 -7.13 8.89
CA GLY A 153 8.06 -8.49 9.42
C GLY A 153 6.75 -9.13 9.83
N LEU A 154 5.63 -8.63 9.34
CA LEU A 154 4.31 -9.07 9.76
C LEU A 154 3.77 -10.06 8.73
N THR A 155 3.22 -11.17 9.20
CA THR A 155 2.41 -12.02 8.35
C THR A 155 1.00 -11.49 8.48
N ARG A 156 0.46 -11.12 7.33
CA ARG A 156 -0.87 -10.55 7.22
C ARG A 156 -1.91 -11.62 7.54
N GLN A 157 -2.82 -11.29 8.46
CA GLN A 157 -3.95 -12.14 8.80
C GLN A 157 -4.95 -11.99 7.67
N GLU A 158 -5.11 -13.05 6.89
CA GLU A 158 -6.03 -13.00 5.75
C GLU A 158 -7.47 -12.83 6.25
N GLY A 159 -8.32 -12.33 5.35
CA GLY A 159 -9.75 -12.20 5.61
C GLY A 159 -10.44 -13.54 5.42
N ASP A 160 -11.73 -13.56 5.74
CA ASP A 160 -12.56 -14.75 5.69
C ASP A 160 -12.64 -15.30 4.26
N SER A 161 -12.34 -16.59 4.10
CA SER A 161 -12.25 -17.21 2.76
C SER A 161 -13.58 -17.28 1.99
N ALA A 162 -14.71 -17.19 2.68
CA ALA A 162 -16.00 -17.12 1.97
C ALA A 162 -16.07 -15.82 1.17
N VAL A 163 -15.60 -14.73 1.80
CA VAL A 163 -15.71 -13.41 1.22
C VAL A 163 -14.87 -13.40 -0.06
N GLN A 164 -13.62 -13.82 0.11
CA GLN A 164 -12.69 -13.91 -0.99
C GLN A 164 -13.17 -14.85 -2.09
N THR A 165 -13.84 -15.96 -1.73
CA THR A 165 -14.30 -16.92 -2.75
C THR A 165 -15.44 -16.36 -3.57
N ALA A 166 -16.46 -15.81 -2.86
CA ALA A 166 -17.60 -15.14 -3.51
C ALA A 166 -17.13 -14.09 -4.51
N MSE A 167 -16.13 -13.29 -4.09
CA MSE A 167 -15.56 -12.26 -4.95
C MSE A 167 -14.89 -12.88 -6.15
O MSE A 167 -15.15 -12.46 -7.27
CB MSE A 167 -14.55 -11.37 -4.21
CG MSE A 167 -15.20 -10.36 -3.26
SE MSE A 167 -13.85 -9.01 -2.71
CE MSE A 167 -14.19 -9.26 -0.82
N THR A 168 -14.02 -13.87 -5.93
CA THR A 168 -13.24 -14.46 -7.05
C THR A 168 -14.14 -15.16 -8.09
N LEU A 169 -15.28 -15.70 -7.68
CA LEU A 169 -16.23 -16.29 -8.64
C LEU A 169 -16.75 -15.25 -9.67
N GLY A 170 -17.03 -14.03 -9.22
CA GLY A 170 -17.25 -12.88 -10.13
C GLY A 170 -18.59 -12.82 -10.85
N ASN A 171 -19.53 -13.64 -10.40
CA ASN A 171 -20.83 -13.82 -11.04
C ASN A 171 -21.97 -13.10 -10.30
N ARG A 172 -21.68 -12.61 -9.11
CA ARG A 172 -22.62 -11.84 -8.31
C ARG A 172 -21.90 -10.62 -7.70
N PRO A 173 -22.64 -9.59 -7.34
CA PRO A 173 -22.07 -8.35 -6.82
C PRO A 173 -21.32 -8.44 -5.52
N VAL A 174 -21.82 -9.24 -4.59
CA VAL A 174 -21.27 -9.48 -3.26
C VAL A 174 -21.45 -8.37 -2.22
N TRP A 175 -21.08 -7.17 -2.56
CA TRP A 175 -21.09 -6.05 -1.68
C TRP A 175 -22.35 -5.27 -1.66
N ASP A 176 -23.35 -5.75 -2.39
CA ASP A 176 -24.68 -5.15 -2.45
C ASP A 176 -25.63 -5.52 -1.31
N ILE A 177 -25.42 -6.66 -0.66
CA ILE A 177 -26.36 -7.10 0.39
C ILE A 177 -26.33 -6.16 1.57
N ARG A 178 -27.51 -5.88 2.13
CA ARG A 178 -27.63 -5.16 3.38
C ARG A 178 -28.65 -5.85 4.29
N PRO A 179 -28.41 -5.90 5.61
CA PRO A 179 -27.15 -5.48 6.23
C PRO A 179 -25.99 -6.38 5.82
N LEU A 180 -24.78 -5.89 6.05
CA LEU A 180 -23.58 -6.67 5.80
C LEU A 180 -23.30 -7.50 7.02
N PRO A 181 -23.11 -8.81 6.83
CA PRO A 181 -22.65 -9.65 7.94
C PRO A 181 -21.34 -9.16 8.53
N ASP A 182 -21.11 -9.49 9.79
CA ASP A 182 -19.90 -9.06 10.53
C ASP A 182 -18.60 -9.41 9.87
N HIS A 183 -18.51 -10.58 9.25
CA HIS A 183 -17.25 -11.03 8.63
C HIS A 183 -16.95 -10.30 7.32
N PHE A 184 -17.98 -9.73 6.70
CA PHE A 184 -17.80 -8.83 5.54
C PHE A 184 -17.21 -7.50 6.00
N LEU A 185 -17.70 -7.00 7.12
CA LEU A 185 -17.24 -5.75 7.70
C LEU A 185 -15.81 -5.87 8.18
N GLU A 186 -15.52 -6.95 8.88
CA GLU A 186 -14.17 -7.19 9.34
C GLU A 186 -13.23 -7.32 8.13
N TYR A 187 -13.69 -7.95 7.04
CA TYR A 187 -12.91 -8.06 5.81
C TYR A 187 -12.60 -6.69 5.26
N ALA A 188 -13.62 -5.84 5.19
CA ALA A 188 -13.49 -4.48 4.67
C ALA A 188 -12.53 -3.63 5.47
N ALA A 189 -12.52 -3.80 6.78
CA ALA A 189 -11.67 -2.99 7.64
C ALA A 189 -10.19 -3.39 7.56
N GLY A 190 -9.92 -4.58 7.04
CA GLY A 190 -8.57 -5.13 7.04
C GLY A 190 -7.54 -4.25 6.39
N ASP A 191 -7.77 -3.89 5.13
CA ASP A 191 -6.75 -3.18 4.34
C ASP A 191 -6.31 -1.82 4.91
N VAL A 192 -7.25 -1.00 5.39
CA VAL A 192 -6.87 0.34 5.92
C VAL A 192 -6.01 0.30 7.17
N ARG A 193 -6.25 -0.67 8.04
CA ARG A 193 -5.37 -0.87 9.20
C ARG A 193 -3.97 -1.24 8.72
N HIS A 194 -3.88 -2.17 7.78
CA HIS A 194 -2.60 -2.54 7.21
C HIS A 194 -1.93 -1.33 6.54
N ILE A 195 -2.70 -0.54 5.80
CA ILE A 195 -2.16 0.67 5.15
C ILE A 195 -1.61 1.64 6.17
N LEU A 196 -2.36 1.94 7.23
CA LEU A 196 -1.88 2.94 8.23
C LEU A 196 -0.72 2.40 9.04
N LEU A 197 -0.80 1.11 9.40
CA LEU A 197 0.36 0.45 9.98
C LEU A 197 1.60 0.63 9.08
N LEU A 198 1.47 0.25 7.82
CA LEU A 198 2.62 0.31 6.90
C LEU A 198 3.24 1.71 6.76
N SER A 199 2.45 2.77 6.93
CA SER A 199 2.95 4.13 6.78
C SER A 199 3.84 4.57 7.92
N ASN A 200 3.71 3.94 9.07
CA ASN A 200 4.65 4.16 10.16
C ASN A 200 6.07 3.66 9.89
N TYR A 201 6.20 2.65 9.06
CA TYR A 201 7.48 2.12 8.63
C TYR A 201 8.04 2.87 7.43
N LEU A 202 7.19 3.43 6.58
CA LEU A 202 7.69 4.12 5.39
C LEU A 202 7.86 5.62 5.51
N VAL A 203 7.03 6.30 6.28
CA VAL A 203 7.04 7.77 6.36
C VAL A 203 7.74 8.22 7.63
N GLY A 204 8.69 9.17 7.51
CA GLY A 204 9.50 9.65 8.63
C GLY A 204 10.49 8.63 9.15
N ASN A 205 11.15 7.92 8.24
CA ASN A 205 12.08 6.86 8.60
C ASN A 205 13.35 7.03 7.76
N LYS A 206 14.46 7.32 8.43
CA LYS A 206 15.74 7.60 7.79
C LYS A 206 16.43 6.33 7.25
N ASP A 207 15.98 5.16 7.69
CA ASP A 207 16.42 3.91 7.07
C ASP A 207 15.83 3.71 5.67
N VAL A 208 14.80 4.48 5.30
CA VAL A 208 14.17 4.36 3.99
C VAL A 208 14.90 5.23 2.95
N PRO A 209 15.43 4.62 1.88
CA PRO A 209 16.34 5.28 0.94
C PRO A 209 15.71 6.22 -0.09
N VAL A 210 14.39 6.43 -0.01
CA VAL A 210 13.69 7.36 -0.87
C VAL A 210 12.95 8.40 -0.04
N ASP A 211 12.97 9.65 -0.51
CA ASP A 211 12.22 10.76 0.10
C ASP A 211 10.72 10.62 -0.14
N VAL A 212 9.97 10.86 0.92
CA VAL A 212 8.52 10.82 0.89
C VAL A 212 7.96 11.76 -0.18
N VAL A 213 8.57 12.94 -0.34
CA VAL A 213 8.11 13.93 -1.30
C VAL A 213 8.28 13.41 -2.74
N ALA A 214 9.37 12.70 -3.03
CA ALA A 214 9.55 12.11 -4.36
C ALA A 214 8.42 11.10 -4.67
N VAL A 215 7.99 10.37 -3.67
CA VAL A 215 6.90 9.43 -3.83
C VAL A 215 5.53 10.14 -3.88
N GLU A 216 5.35 11.22 -3.11
CA GLU A 216 4.19 12.09 -3.28
C GLU A 216 4.09 12.62 -4.71
N ARG A 217 5.22 12.94 -5.31
CA ARG A 217 5.24 13.42 -6.68
C ARG A 217 4.96 12.32 -7.68
N LEU A 218 5.52 11.13 -7.49
CA LEU A 218 5.15 10.00 -8.34
C LEU A 218 3.64 9.60 -8.19
N THR A 219 3.17 9.57 -6.95
CA THR A 219 1.76 9.34 -6.68
C THR A 219 0.85 10.32 -7.42
N ALA A 220 1.20 11.62 -7.40
CA ALA A 220 0.41 12.63 -8.06
C ALA A 220 0.33 12.41 -9.58
N GLN A 221 1.35 11.84 -10.23
CA GLN A 221 1.19 11.41 -11.64
C GLN A 221 0.09 10.39 -11.80
N TYR A 222 -0.01 9.42 -10.89
CA TYR A 222 -1.09 8.44 -10.95
C TYR A 222 -2.44 9.06 -10.73
N VAL A 223 -2.54 9.97 -9.76
CA VAL A 223 -3.81 10.66 -9.53
C VAL A 223 -4.24 11.41 -10.80
N GLU A 224 -3.33 12.19 -11.39
CA GLU A 224 -3.65 12.92 -12.63
C GLU A 224 -4.05 12.02 -13.80
N HIS A 225 -3.34 10.92 -14.01
CA HIS A 225 -3.68 9.99 -15.06
C HIS A 225 -5.04 9.34 -14.82
N TYR A 226 -5.35 8.99 -13.57
CA TYR A 226 -6.55 8.18 -13.33
C TYR A 226 -7.78 8.96 -12.91
N ALA A 227 -7.63 10.23 -12.54
CA ALA A 227 -8.79 11.06 -12.16
C ALA A 227 -9.15 12.05 -13.26
N VAL A 228 -9.87 11.58 -14.26
CA VAL A 228 -10.15 12.38 -15.46
C VAL A 228 -11.65 12.48 -15.76
N GLY A 229 -12.50 12.13 -14.80
CA GLY A 229 -13.94 12.24 -14.97
C GLY A 229 -14.62 11.16 -15.81
N LYS A 230 -13.84 10.23 -16.33
CA LYS A 230 -14.39 9.19 -17.20
C LYS A 230 -13.53 7.96 -17.10
N PRO A 231 -14.05 6.80 -17.54
CA PRO A 231 -13.23 5.59 -17.61
C PRO A 231 -11.94 5.82 -18.36
N VAL A 232 -10.85 5.28 -17.81
CA VAL A 232 -9.51 5.40 -18.34
C VAL A 232 -9.21 4.24 -19.27
N ILE A 233 -8.78 4.55 -20.48
CA ILE A 233 -8.57 3.55 -21.51
C ILE A 233 -7.10 3.14 -21.53
N THR A 234 -6.23 4.10 -21.71
CA THR A 234 -4.82 3.84 -21.73
C THR A 234 -4.25 3.88 -20.31
N GLU A 235 -3.55 2.79 -19.95
CA GLU A 235 -2.95 2.61 -18.62
C GLU A 235 -1.61 3.35 -18.51
N ALA A 236 -1.26 3.70 -17.27
CA ALA A 236 0.00 4.39 -16.97
C ALA A 236 1.20 3.48 -17.05
N ASP A 237 0.98 2.21 -16.75
CA ASP A 237 2.01 1.19 -16.68
C ASP A 237 1.87 0.20 -17.84
N ALA A 238 3.00 -0.30 -18.33
CA ALA A 238 3.02 -1.25 -19.45
C ALA A 238 2.28 -2.56 -19.19
N THR A 239 2.37 -3.06 -17.97
CA THR A 239 1.53 -4.15 -17.51
C THR A 239 0.93 -3.79 -16.14
N PRO A 240 -0.18 -4.43 -15.75
CA PRO A 240 -0.82 -4.04 -14.48
C PRO A 240 0.08 -4.12 -13.24
N ALA A 241 1.02 -5.07 -13.23
CA ALA A 241 1.83 -5.40 -12.07
C ALA A 241 3.14 -4.65 -12.01
N GLU A 242 3.31 -3.56 -12.77
CA GLU A 242 4.53 -2.78 -12.68
C GLU A 242 4.25 -1.28 -12.54
N VAL A 243 5.33 -0.51 -12.45
CA VAL A 243 5.28 0.91 -12.37
C VAL A 243 6.09 1.49 -13.53
N ASN A 244 5.53 2.48 -14.21
CA ASN A 244 6.12 3.18 -15.35
C ASN A 244 7.58 3.57 -15.04
N ARG A 245 8.46 3.01 -15.84
CA ARG A 245 9.87 3.20 -15.72
C ARG A 245 10.29 4.64 -15.93
N ALA A 246 9.68 5.28 -16.89
CA ALA A 246 10.00 6.68 -17.15
C ALA A 246 9.61 7.53 -15.95
N TRP A 247 8.47 7.26 -15.34
CA TRP A 247 8.11 7.98 -14.12
C TRP A 247 9.08 7.68 -12.98
N LEU A 248 9.59 6.44 -12.90
CA LEU A 248 10.56 6.09 -11.85
C LEU A 248 11.89 6.83 -12.03
N GLU A 249 12.40 6.91 -13.27
CA GLU A 249 13.61 7.71 -13.57
C GLU A 249 13.42 9.21 -13.21
N ARG A 250 12.24 9.75 -13.51
CA ARG A 250 11.96 11.17 -13.32
C ARG A 250 11.91 11.53 -11.84
N TYR A 251 11.11 10.81 -11.06
CA TYR A 251 10.84 11.20 -9.68
C TYR A 251 11.76 10.59 -8.64
N ILE A 252 12.28 9.41 -8.94
CA ILE A 252 13.11 8.63 -8.04
C ILE A 252 14.59 8.68 -8.42
N GLY A 253 14.92 8.80 -9.70
CA GLY A 253 16.30 8.79 -10.17
C GLY A 253 16.65 7.48 -10.81
N PRO A 254 17.95 7.28 -11.11
CA PRO A 254 18.40 6.07 -11.78
C PRO A 254 18.22 4.84 -10.92
N GLY A 255 18.03 3.70 -11.57
CA GLY A 255 17.87 2.45 -10.88
C GLY A 255 19.19 2.03 -10.29
N GLY A 256 19.15 1.40 -9.12
CA GLY A 256 20.33 0.81 -8.52
C GLY A 256 20.61 -0.65 -8.82
N GLY A 257 21.61 -1.15 -8.13
CA GLY A 257 22.00 -2.53 -8.24
C GLY A 257 23.03 -2.89 -7.21
N CYS A 258 23.59 -4.09 -7.38
CA CYS A 258 24.50 -4.66 -6.42
C CYS A 258 25.87 -3.97 -6.47
N HIS A 259 26.23 -3.37 -5.35
CA HIS A 259 27.53 -2.75 -5.14
C HIS A 259 28.68 -3.77 -5.13
N PHE A 260 28.40 -5.02 -4.82
CA PHE A 260 29.46 -6.03 -4.82
C PHE A 260 29.79 -6.56 -6.22
N CYS A 261 28.79 -7.02 -6.98
CA CYS A 261 29.01 -7.62 -8.32
C CYS A 261 28.61 -6.76 -9.50
N GLY A 262 27.92 -5.65 -9.26
CA GLY A 262 27.53 -4.72 -10.33
C GLY A 262 26.21 -5.00 -11.02
N ALA A 263 25.59 -6.15 -10.78
CA ALA A 263 24.35 -6.55 -11.47
C ALA A 263 23.10 -5.91 -10.85
N LYS A 264 22.14 -5.61 -11.72
CA LYS A 264 20.82 -5.16 -11.32
C LYS A 264 20.01 -6.33 -10.75
N GLY A 265 19.01 -5.99 -9.93
CA GLY A 265 18.06 -6.97 -9.42
C GLY A 265 18.24 -7.37 -7.97
N HIS A 266 19.38 -7.05 -7.36
CA HIS A 266 19.59 -7.39 -5.96
C HIS A 266 20.57 -6.45 -5.35
N THR A 267 20.59 -6.42 -4.02
CA THR A 267 21.57 -5.66 -3.28
C THR A 267 22.64 -6.61 -2.80
N GLU A 268 23.73 -6.02 -2.30
CA GLU A 268 24.86 -6.80 -1.84
C GLU A 268 24.56 -7.71 -0.64
N ALA A 269 23.65 -7.32 0.25
CA ALA A 269 23.21 -8.17 1.37
C ALA A 269 22.55 -9.48 0.89
N GLU A 270 22.03 -9.48 -0.34
CA GLU A 270 21.45 -10.66 -0.99
C GLU A 270 22.40 -11.28 -2.06
N CYS A 271 23.62 -10.74 -2.21
CA CYS A 271 24.57 -11.25 -3.24
C CYS A 271 25.16 -12.63 -2.88
N PHE A 272 24.85 -13.63 -3.73
CA PHE A 272 25.44 -14.96 -3.62
C PHE A 272 26.94 -14.83 -3.64
N LYS A 273 27.48 -14.12 -4.62
CA LYS A 273 28.94 -14.03 -4.77
C LYS A 273 29.64 -13.38 -3.60
N LYS A 274 28.98 -12.44 -2.93
CA LYS A 274 29.57 -11.84 -1.75
C LYS A 274 29.66 -12.81 -0.58
N GLN A 275 28.56 -13.51 -0.28
CA GLN A 275 28.54 -14.53 0.81
C GLN A 275 29.45 -15.72 0.50
N ASN A 276 29.31 -16.32 -0.69
CA ASN A 276 30.15 -17.44 -1.11
C ASN A 276 31.64 -17.05 -1.27
N GLY A 277 31.94 -15.76 -1.41
CA GLY A 277 33.32 -15.27 -1.56
C GLY A 277 34.05 -14.94 -0.27
N LYS A 278 33.30 -14.78 0.83
CA LYS A 278 33.87 -14.46 2.15
C LYS A 278 34.73 -15.61 2.68
N ALA A 279 35.83 -15.26 3.37
CA ALA A 279 36.68 -16.26 4.01
C ALA A 279 35.93 -16.96 5.15
N LYS A 280 35.90 -18.30 5.05
CA LYS A 280 35.38 -19.22 6.06
C LYS A 280 36.58 -20.10 6.49
N CYS A 281 36.83 -20.25 7.79
CA CYS A 281 37.96 -21.06 8.24
C CYS A 281 37.71 -22.56 8.05
N SER A 282 38.55 -23.23 7.24
CA SER A 282 38.41 -24.68 7.02
C SER A 282 38.61 -25.50 8.32
N PHE A 283 39.42 -25.02 9.23
CA PHE A 283 39.64 -25.69 10.50
C PHE A 283 38.54 -25.50 11.55
N CYS A 284 38.21 -24.26 11.92
CA CYS A 284 37.19 -24.00 12.98
C CYS A 284 35.79 -23.61 12.49
N GLY A 285 35.63 -23.38 11.19
CA GLY A 285 34.34 -22.98 10.64
C GLY A 285 33.94 -21.51 10.72
N GLU A 286 34.61 -20.67 11.51
CA GLU A 286 34.16 -19.28 11.65
C GLU A 286 34.45 -18.49 10.37
N VAL A 287 33.46 -17.67 10.00
CA VAL A 287 33.58 -16.71 8.89
C VAL A 287 34.43 -15.54 9.37
N GLY A 288 35.37 -15.10 8.55
CA GLY A 288 36.24 -13.98 8.93
C GLY A 288 37.75 -14.18 8.90
N HIS A 289 38.23 -15.43 9.01
CA HIS A 289 39.64 -15.71 8.78
C HIS A 289 39.82 -16.97 7.97
N THR A 290 41.03 -17.16 7.48
CA THR A 290 41.39 -18.40 6.84
C THR A 290 42.08 -19.30 7.88
N ALA A 291 42.21 -20.57 7.51
CA ALA A 291 42.97 -21.55 8.30
C ALA A 291 44.40 -21.14 8.58
N ARG A 292 45.07 -20.56 7.58
CA ARG A 292 46.48 -20.23 7.74
C ARG A 292 46.65 -19.12 8.77
N ASN A 293 45.57 -18.41 9.10
CA ASN A 293 45.52 -17.40 10.17
C ASN A 293 44.73 -17.78 11.43
N CYS A 294 44.41 -19.07 11.56
CA CYS A 294 43.55 -19.57 12.63
C CYS A 294 44.33 -19.79 13.92
N PHE A 295 44.00 -19.01 14.95
CA PHE A 295 44.55 -19.15 16.31
C PHE A 295 44.42 -20.58 16.90
N LYS A 296 43.31 -21.26 16.62
CA LYS A 296 43.07 -22.62 17.12
C LYS A 296 43.89 -23.66 16.36
N LYS A 297 43.97 -23.55 15.04
CA LYS A 297 44.86 -24.42 14.26
C LYS A 297 46.32 -24.16 14.52
N HIS A 298 46.70 -22.89 14.64
CA HIS A 298 48.09 -22.48 14.88
C HIS A 298 48.15 -21.59 16.13
N PRO A 299 48.29 -22.19 17.34
CA PRO A 299 48.41 -21.35 18.56
C PRO A 299 49.72 -20.56 18.67
N GLN A 300 50.73 -20.91 17.85
CA GLN A 300 51.99 -20.15 17.77
C GLN A 300 51.86 -18.78 17.07
N LEU A 301 50.63 -18.26 16.95
CA LEU A 301 50.36 -16.89 16.55
C LEU A 301 49.91 -16.02 17.72
N LEU A 302 49.63 -16.63 18.87
CA LEU A 302 49.28 -15.86 20.08
C LEU A 302 50.50 -15.21 20.77
ZN ZN B . 25.79 -9.07 -6.48
ZN ZN C . 39.60 -20.82 12.42
MN MN D . -10.04 -3.78 0.37
MN MN E . -8.20 -1.56 -2.33
P AMP F . -9.03 -4.41 -2.55
O1P AMP F . -9.26 -3.25 -1.64
O2P AMP F . -8.72 -5.55 -1.63
O3P AMP F . -8.03 -4.02 -3.58
O5' AMP F . -10.42 -4.71 -3.30
C5' AMP F . -11.08 -3.69 -4.08
C4' AMP F . -12.27 -4.18 -4.88
O4' AMP F . -11.84 -4.87 -6.07
C3' AMP F . -13.28 -5.12 -4.22
O3' AMP F . -14.22 -4.46 -3.39
C2' AMP F . -13.94 -5.74 -5.45
O2' AMP F . -14.89 -4.94 -6.13
C1' AMP F . -12.74 -5.93 -6.36
N9 AMP F . -12.05 -7.19 -6.09
C8 AMP F . -11.10 -7.43 -5.12
N7 AMP F . -10.68 -8.67 -5.09
C5 AMP F . -11.40 -9.29 -6.10
C6 AMP F . -11.41 -10.62 -6.58
N6 AMP F . -10.63 -11.58 -6.08
N1 AMP F . -12.23 -10.91 -7.60
C2 AMP F . -13.01 -9.93 -8.09
N3 AMP F . -13.09 -8.66 -7.72
C4 AMP F . -12.25 -8.39 -6.71
#